data_4C4M
#
_entry.id   4C4M
#
_cell.length_a   40.350
_cell.length_b   55.660
_cell.length_c   71.100
_cell.angle_alpha   90.00
_cell.angle_beta   90.00
_cell.angle_gamma   90.00
#
_symmetry.space_group_name_H-M   'P 21 21 21'
#
loop_
_entity.id
_entity.type
_entity.pdbx_description
1 polymer 'SONIC HEDGEHOG PROTEIN'
2 branched 'beta-D-glucopyranuronic acid-(1-3)-2-acetamido-2-deoxy-4-O-sulfo-beta-D-galactopyranose-(1-4)-beta-D-glucopyranuronic acid-(1-3)-2-acetamido-2-deoxy-4-O-sulfo-beta-D-galactopyranose'
3 non-polymer 'ZINC ION'
4 non-polymer 'CALCIUM ION'
5 non-polymer 'ACETATE ION'
6 water water
#
_entity_poly.entity_id   1
_entity_poly.type   'polypeptide(L)'
_entity_poly.pdbx_seq_one_letter_code
;MALTPLAYKQFIPNVAEKTLGASGRYEGKITRNSERFKELTPNYNPDIIFKDEENTGADRLMTQRCKDKLNALAISVMNQ
WPGVKLRVTEGWDEDGHHSEESLHYEGRAVDITTSDRDRSKYGMLARLAVEAGFDWVYYESKAHIHCSVKAENSVAAKHH
HHHH
;
_entity_poly.pdbx_strand_id   A
#
loop_
_chem_comp.id
_chem_comp.type
_chem_comp.name
_chem_comp.formula
ACT non-polymer 'ACETATE ION' 'C2 H3 O2 -1'
ASG D-saccharide, beta linking 2-acetamido-2-deoxy-4-O-sulfo-beta-D-galactopyranose 'C8 H15 N O9 S'
BDP D-saccharide, beta linking 'beta-D-glucopyranuronic acid' 'C6 H10 O7'
CA non-polymer 'CALCIUM ION' 'Ca 2'
ZN non-polymer 'ZINC ION' 'Zn 2'
#
# COMPACT_ATOMS: atom_id res chain seq x y z
N LEU A 3 -10.03 17.63 7.06
CA LEU A 3 -10.26 16.51 6.14
C LEU A 3 -11.12 15.43 6.78
N THR A 4 -11.86 14.69 5.95
CA THR A 4 -12.80 13.70 6.45
C THR A 4 -12.29 12.26 6.29
N PRO A 5 -12.18 11.54 7.41
CA PRO A 5 -11.73 10.14 7.41
C PRO A 5 -12.65 9.26 6.58
N LEU A 6 -12.11 8.16 6.05
CA LEU A 6 -12.94 7.17 5.38
C LEU A 6 -13.68 6.35 6.42
N ALA A 7 -14.86 5.87 6.05
CA ALA A 7 -15.63 4.94 6.88
C ALA A 7 -15.11 3.52 6.69
N TYR A 8 -15.36 2.67 7.67
CA TYR A 8 -15.06 1.25 7.54
C TYR A 8 -15.68 0.66 6.26
N LYS A 9 -14.85 -0.04 5.50
CA LYS A 9 -15.22 -0.68 4.23
C LYS A 9 -15.45 0.28 3.06
N GLN A 10 -15.21 1.57 3.27
CA GLN A 10 -15.30 2.53 2.18
C GLN A 10 -14.06 2.41 1.30
N PHE A 11 -14.24 2.58 0.00
CA PHE A 11 -13.09 2.69 -0.91
C PHE A 11 -13.21 3.94 -1.78
N ILE A 12 -12.07 4.53 -2.12
CA ILE A 12 -12.01 5.75 -2.93
C ILE A 12 -10.93 5.58 -4.00
N PRO A 13 -11.28 5.85 -5.28
CA PRO A 13 -12.60 6.22 -5.80
C PRO A 13 -13.61 5.10 -5.64
N ASN A 14 -14.90 5.44 -5.68
CA ASN A 14 -15.94 4.46 -5.43
C ASN A 14 -16.21 3.56 -6.63
N VAL A 15 -15.16 2.86 -7.07
CA VAL A 15 -15.27 1.87 -8.14
C VAL A 15 -14.36 0.69 -7.81
N ALA A 16 -14.46 -0.42 -8.52
CA ALA A 16 -13.59 -1.56 -8.22
C ALA A 16 -12.11 -1.24 -8.46
N GLU A 17 -11.25 -1.89 -7.69
CA GLU A 17 -9.81 -1.61 -7.71
C GLU A 17 -9.16 -1.70 -9.09
N LYS A 18 -9.52 -2.74 -9.84
CA LYS A 18 -8.85 -2.99 -11.10
C LYS A 18 -9.51 -2.31 -12.30
N THR A 19 -10.40 -1.35 -12.04
CA THR A 19 -10.99 -0.56 -13.11
C THR A 19 -10.05 0.56 -13.59
N LEU A 20 -10.31 1.06 -14.79
CA LEU A 20 -9.51 2.13 -15.38
C LEU A 20 -9.34 3.36 -14.49
N GLY A 21 -10.39 3.72 -13.76
CA GLY A 21 -10.40 4.93 -12.97
C GLY A 21 -9.69 4.76 -11.64
N ALA A 22 -9.40 3.51 -11.28
CA ALA A 22 -8.68 3.22 -10.04
C ALA A 22 -7.25 2.79 -10.35
N SER A 23 -6.90 1.54 -10.02
CA SER A 23 -5.52 1.09 -10.17
C SER A 23 -5.26 0.29 -11.45
N GLY A 24 -6.32 -0.06 -12.17
CA GLY A 24 -6.16 -0.72 -13.46
C GLY A 24 -5.90 -2.21 -13.39
N ARG A 25 -5.80 -2.84 -14.54
CA ARG A 25 -5.79 -4.31 -14.63
C ARG A 25 -4.54 -4.97 -14.03
N TYR A 26 -4.73 -6.23 -13.62
CA TYR A 26 -3.66 -7.11 -13.16
C TYR A 26 -2.96 -7.75 -14.35
N GLU A 27 -1.63 -7.70 -14.39
CA GLU A 27 -0.86 -8.35 -15.46
C GLU A 27 -0.50 -9.81 -15.11
N GLY A 28 -0.04 -10.03 -13.89
CA GLY A 28 0.37 -11.37 -13.48
C GLY A 28 1.19 -11.34 -12.22
N LYS A 29 1.36 -12.50 -11.59
CA LYS A 29 2.11 -12.60 -10.35
C LYS A 29 3.59 -12.42 -10.61
N ILE A 30 4.25 -11.57 -9.81
CA ILE A 30 5.71 -11.46 -9.88
C ILE A 30 6.31 -12.37 -8.83
N THR A 31 7.18 -13.29 -9.25
CA THR A 31 7.87 -14.17 -8.29
C THR A 31 9.33 -13.79 -8.19
N ARG A 32 10.00 -14.26 -7.13
CA ARG A 32 11.35 -13.82 -6.82
C ARG A 32 12.35 -14.10 -7.94
N ASN A 33 12.22 -15.22 -8.62
CA ASN A 33 13.16 -15.50 -9.71
C ASN A 33 12.52 -15.33 -11.09
N SER A 34 11.85 -14.20 -11.30
CA SER A 34 11.09 -14.01 -12.52
C SER A 34 11.59 -12.85 -13.37
N GLU A 35 11.14 -12.84 -14.62
CA GLU A 35 11.49 -11.81 -15.58
C GLU A 35 11.06 -10.43 -15.09
N ARG A 36 10.03 -10.38 -14.24
CA ARG A 36 9.47 -9.10 -13.81
C ARG A 36 9.93 -8.66 -12.42
N PHE A 37 10.79 -9.45 -11.78
CA PHE A 37 11.25 -9.09 -10.44
C PHE A 37 11.94 -7.72 -10.45
N LYS A 38 12.63 -7.39 -11.54
CA LYS A 38 13.30 -6.09 -11.64
C LYS A 38 12.34 -4.90 -11.57
N GLU A 39 11.03 -5.13 -11.71
CA GLU A 39 10.06 -4.04 -11.60
C GLU A 39 9.94 -3.58 -10.15
N LEU A 40 10.42 -4.41 -9.23
CA LEU A 40 10.30 -4.12 -7.80
C LEU A 40 11.60 -3.51 -7.29
N THR A 41 11.45 -2.52 -6.42
CA THR A 41 12.59 -1.83 -5.82
C THR A 41 12.35 -1.78 -4.31
N PRO A 42 13.39 -2.03 -3.50
CA PRO A 42 13.14 -1.99 -2.05
C PRO A 42 13.05 -0.57 -1.49
N ASN A 43 12.16 -0.39 -0.53
CA ASN A 43 11.98 0.91 0.12
C ASN A 43 12.66 0.89 1.48
N TYR A 44 13.69 1.73 1.65
CA TYR A 44 14.49 1.72 2.87
C TYR A 44 14.28 2.98 3.71
N ASN A 45 13.19 3.70 3.44
CA ASN A 45 12.84 4.92 4.17
C ASN A 45 12.85 4.70 5.67
N PRO A 46 13.70 5.46 6.40
CA PRO A 46 13.77 5.26 7.86
C PRO A 46 12.55 5.82 8.58
N ASP A 47 11.71 6.55 7.87
CA ASP A 47 10.46 7.07 8.46
C ASP A 47 9.26 6.15 8.27
N ILE A 48 9.50 4.96 7.73
CA ILE A 48 8.43 3.95 7.64
C ILE A 48 8.83 2.71 8.41
N ILE A 49 7.90 2.16 9.19
CA ILE A 49 8.14 0.90 9.89
C ILE A 49 7.62 -0.25 9.03
N PHE A 50 8.48 -1.21 8.69
CA PHE A 50 8.04 -2.40 7.98
C PHE A 50 7.99 -3.56 8.96
N LYS A 51 6.85 -4.24 9.03
CA LYS A 51 6.70 -5.35 9.96
C LYS A 51 7.69 -6.47 9.63
N ASP A 52 7.74 -6.86 8.35
CA ASP A 52 8.64 -7.91 7.87
C ASP A 52 8.61 -9.15 8.75
N GLU A 53 7.42 -9.57 9.13
CA GLU A 53 7.27 -10.77 9.96
C GLU A 53 7.79 -12.00 9.21
N GLU A 54 7.84 -11.91 7.88
CA GLU A 54 8.38 -12.99 7.05
C GLU A 54 9.89 -13.13 7.22
N ASN A 55 10.54 -12.05 7.64
CA ASN A 55 12.02 -11.98 7.69
C ASN A 55 12.69 -12.17 6.32
N THR A 56 11.99 -11.80 5.26
CA THR A 56 12.49 -11.97 3.89
C THR A 56 12.75 -10.62 3.21
N GLY A 57 12.28 -9.54 3.83
CA GLY A 57 12.34 -8.22 3.21
C GLY A 57 11.26 -7.97 2.16
N ALA A 58 10.36 -8.92 1.99
CA ALA A 58 9.32 -8.80 0.94
C ALA A 58 8.45 -7.57 1.12
N ASP A 59 8.13 -7.23 2.36
CA ASP A 59 7.23 -6.11 2.63
C ASP A 59 7.79 -4.79 2.11
N ARG A 60 9.11 -4.70 1.95
CA ARG A 60 9.76 -3.49 1.44
C ARG A 60 9.75 -3.34 -0.08
N LEU A 61 9.49 -4.44 -0.80
CA LEU A 61 9.59 -4.42 -2.26
C LEU A 61 8.30 -3.91 -2.88
N MET A 62 8.41 -2.97 -3.82
CA MET A 62 7.25 -2.36 -4.44
C MET A 62 7.65 -1.68 -5.73
N THR A 63 6.68 -1.24 -6.53
CA THR A 63 6.99 -0.50 -7.75
C THR A 63 7.40 0.91 -7.41
N GLN A 64 8.00 1.60 -8.36
CA GLN A 64 8.41 2.98 -8.14
C GLN A 64 7.25 3.90 -7.77
N ARG A 65 6.10 3.71 -8.42
CA ARG A 65 4.95 4.57 -8.14
C ARG A 65 4.44 4.33 -6.71
N CYS A 66 4.43 3.06 -6.32
CA CYS A 66 4.05 2.70 -4.96
C CYS A 66 5.00 3.35 -3.94
N LYS A 67 6.31 3.30 -4.23
CA LYS A 67 7.29 3.90 -3.34
C LYS A 67 7.07 5.42 -3.24
N ASP A 68 6.83 6.07 -4.36
CA ASP A 68 6.61 7.52 -4.38
C ASP A 68 5.41 7.91 -3.52
N LYS A 69 4.28 7.23 -3.68
CA LYS A 69 3.10 7.60 -2.91
C LYS A 69 3.29 7.26 -1.43
N LEU A 70 3.96 6.15 -1.15
CA LEU A 70 4.14 5.71 0.24
C LEU A 70 5.07 6.67 0.98
N ASN A 71 6.11 7.14 0.31
CA ASN A 71 7.04 8.08 0.94
C ASN A 71 6.38 9.42 1.24
N ALA A 72 5.44 9.84 0.39
CA ALA A 72 4.68 11.06 0.62
C ALA A 72 3.74 10.88 1.82
N LEU A 73 3.10 9.73 1.90
CA LEU A 73 2.21 9.42 3.02
C LEU A 73 2.98 9.36 4.33
N ALA A 74 4.24 8.89 4.28
CA ALA A 74 5.07 8.82 5.48
C ALA A 74 5.25 10.20 6.10
N ILE A 75 5.43 11.20 5.26
CA ILE A 75 5.59 12.56 5.72
C ILE A 75 4.29 13.09 6.33
N SER A 76 3.17 12.84 5.67
CA SER A 76 1.91 13.36 6.22
C SER A 76 1.45 12.67 7.51
N VAL A 77 1.83 11.40 7.69
CA VAL A 77 1.52 10.70 8.94
C VAL A 77 2.26 11.33 10.12
N MET A 78 3.55 11.59 9.94
CA MET A 78 4.34 12.23 11.00
C MET A 78 3.86 13.64 11.36
N ASN A 79 3.32 14.37 10.39
CA ASN A 79 2.81 15.71 10.67
C ASN A 79 1.43 15.69 11.32
N GLN A 80 0.64 14.67 11.02
CA GLN A 80 -0.70 14.53 11.59
C GLN A 80 -0.62 14.14 13.06
N TRP A 81 0.25 13.19 13.38
CA TRP A 81 0.41 12.68 14.73
C TRP A 81 1.88 12.67 15.14
N PRO A 82 2.35 13.76 15.76
CA PRO A 82 3.74 13.83 16.18
C PRO A 82 4.12 12.63 17.05
N GLY A 83 5.24 11.98 16.74
CA GLY A 83 5.69 10.81 17.48
C GLY A 83 5.24 9.50 16.87
N VAL A 84 4.43 9.58 15.83
CA VAL A 84 3.86 8.40 15.18
C VAL A 84 4.38 8.29 13.75
N LYS A 85 4.59 7.05 13.27
CA LYS A 85 5.05 6.80 11.92
C LYS A 85 4.11 5.90 11.15
N LEU A 86 4.18 5.99 9.82
CA LEU A 86 3.52 5.03 8.93
C LEU A 86 4.14 3.66 9.11
N ARG A 87 3.30 2.62 9.12
CA ARG A 87 3.76 1.24 9.28
C ARG A 87 3.17 0.38 8.18
N VAL A 88 4.00 -0.45 7.55
CA VAL A 88 3.55 -1.34 6.48
C VAL A 88 3.57 -2.77 7.01
N THR A 89 2.44 -3.47 6.90
CA THR A 89 2.34 -4.86 7.33
C THR A 89 2.48 -5.84 6.17
N GLU A 90 2.11 -5.38 4.97
CA GLU A 90 2.25 -6.18 3.74
C GLU A 90 2.60 -5.29 2.57
N GLY A 91 3.60 -5.67 1.79
CA GLY A 91 3.90 -4.99 0.54
C GLY A 91 3.75 -6.02 -0.56
N TRP A 92 4.81 -6.27 -1.30
CA TRP A 92 4.77 -7.38 -2.26
C TRP A 92 4.63 -8.67 -1.46
N ASP A 93 3.83 -9.59 -1.96
CA ASP A 93 3.62 -10.85 -1.26
C ASP A 93 4.08 -12.03 -2.10
N GLU A 94 4.83 -12.93 -1.50
CA GLU A 94 5.13 -14.21 -2.15
C GLU A 94 4.46 -15.40 -1.43
N ASP A 95 3.71 -15.11 -0.37
CA ASP A 95 3.10 -16.17 0.44
C ASP A 95 1.78 -16.72 -0.14
N GLY A 96 1.16 -15.98 -1.05
CA GLY A 96 -0.16 -16.34 -1.57
C GLY A 96 -1.25 -16.13 -0.53
N HIS A 97 -1.13 -15.05 0.23
CA HIS A 97 -2.03 -14.77 1.35
C HIS A 97 -3.11 -13.76 1.03
N HIS A 98 -3.30 -13.48 -0.26
CA HIS A 98 -4.31 -12.51 -0.69
C HIS A 98 -5.22 -13.11 -1.76
N SER A 99 -6.10 -12.29 -2.31
CA SER A 99 -7.03 -12.76 -3.34
C SER A 99 -6.25 -13.25 -4.55
N GLU A 100 -6.85 -14.11 -5.38
CA GLU A 100 -6.10 -14.80 -6.44
C GLU A 100 -5.32 -13.90 -7.41
N GLU A 101 -5.85 -12.72 -7.71
CA GLU A 101 -5.16 -11.76 -8.58
C GLU A 101 -4.92 -10.43 -7.85
N SER A 102 -4.37 -10.54 -6.65
CA SER A 102 -4.12 -9.40 -5.79
C SER A 102 -3.03 -8.49 -6.34
N LEU A 103 -3.22 -7.17 -6.23
CA LEU A 103 -2.15 -6.27 -6.64
C LEU A 103 -0.92 -6.37 -5.74
N HIS A 104 -1.06 -7.02 -4.58
CA HIS A 104 0.13 -7.29 -3.75
C HIS A 104 1.12 -8.19 -4.50
N TYR A 105 0.63 -9.01 -5.43
CA TYR A 105 1.53 -9.93 -6.12
C TYR A 105 2.37 -9.24 -7.18
N GLU A 106 2.02 -8.00 -7.51
CA GLU A 106 2.78 -7.20 -8.48
C GLU A 106 3.50 -6.05 -7.80
N GLY A 107 3.48 -6.00 -6.48
CA GLY A 107 4.15 -4.95 -5.72
C GLY A 107 3.48 -3.61 -5.92
N ARG A 108 2.17 -3.63 -6.19
CA ARG A 108 1.44 -2.40 -6.42
C ARG A 108 0.44 -2.11 -5.29
N ALA A 109 0.52 -2.86 -4.19
CA ALA A 109 -0.37 -2.60 -3.04
C ALA A 109 0.37 -2.70 -1.73
N VAL A 110 -0.07 -1.92 -0.75
CA VAL A 110 0.42 -2.05 0.62
C VAL A 110 -0.76 -2.11 1.59
N ASP A 111 -0.58 -2.85 2.68
CA ASP A 111 -1.50 -2.76 3.80
C ASP A 111 -0.80 -1.97 4.88
N ILE A 112 -1.48 -0.96 5.43
CA ILE A 112 -0.80 -0.01 6.31
C ILE A 112 -1.54 0.22 7.62
N THR A 113 -0.78 0.61 8.64
CA THR A 113 -1.32 0.99 9.95
C THR A 113 -0.51 2.20 10.40
N THR A 114 -0.78 2.70 11.61
CA THR A 114 0.16 3.62 12.25
C THR A 114 1.07 2.82 13.18
N SER A 115 2.23 3.39 13.54
CA SER A 115 3.20 2.69 14.37
C SER A 115 2.67 2.36 15.76
N ASP A 116 1.69 3.12 16.24
CA ASP A 116 1.11 2.90 17.56
C ASP A 116 -0.07 1.92 17.53
N ARG A 117 -0.46 1.52 16.32
CA ARG A 117 -1.56 0.58 16.11
C ARG A 117 -2.84 1.02 16.80
N ASP A 118 -3.04 2.34 16.83
CA ASP A 118 -4.25 2.93 17.37
C ASP A 118 -5.31 2.91 16.28
N ARG A 119 -6.23 1.95 16.35
CA ARG A 119 -7.21 1.76 15.27
C ARG A 119 -8.10 2.98 15.05
N SER A 120 -8.22 3.82 16.08
CA SER A 120 -9.04 5.03 15.96
C SER A 120 -8.48 6.01 14.93
N LYS A 121 -7.23 5.82 14.56
CA LYS A 121 -6.58 6.69 13.57
C LYS A 121 -6.75 6.21 12.12
N TYR A 122 -7.21 4.97 11.92
CA TYR A 122 -7.12 4.37 10.58
C TYR A 122 -8.00 5.03 9.52
N GLY A 123 -9.17 5.54 9.90
CA GLY A 123 -10.02 6.25 8.95
C GLY A 123 -9.32 7.48 8.43
N MET A 124 -8.63 8.19 9.32
CA MET A 124 -7.88 9.37 8.92
C MET A 124 -6.63 8.99 8.13
N LEU A 125 -6.02 7.88 8.51
CA LEU A 125 -4.86 7.36 7.78
C LEU A 125 -5.24 7.10 6.33
N ALA A 126 -6.41 6.51 6.12
CA ALA A 126 -6.91 6.25 4.78
C ALA A 126 -7.09 7.55 3.99
N ARG A 127 -7.68 8.55 4.63
CA ARG A 127 -7.84 9.86 3.99
C ARG A 127 -6.48 10.44 3.58
N LEU A 128 -5.49 10.34 4.47
CA LEU A 128 -4.14 10.79 4.13
C LEU A 128 -3.56 10.04 2.93
N ALA A 129 -3.86 8.74 2.82
CA ALA A 129 -3.38 7.96 1.68
C ALA A 129 -4.01 8.44 0.38
N VAL A 130 -5.30 8.79 0.43
CA VAL A 130 -5.96 9.40 -0.72
C VAL A 130 -5.27 10.70 -1.10
N GLU A 131 -5.02 11.57 -0.12
CA GLU A 131 -4.38 12.85 -0.42
C GLU A 131 -2.91 12.69 -0.84
N ALA A 132 -2.28 11.58 -0.45
CA ALA A 132 -0.91 11.32 -0.87
C ALA A 132 -0.87 10.79 -2.29
N GLY A 133 -2.04 10.49 -2.85
CA GLY A 133 -2.13 10.16 -4.27
C GLY A 133 -2.20 8.69 -4.65
N PHE A 134 -2.49 7.82 -3.69
CA PHE A 134 -2.72 6.42 -4.04
C PHE A 134 -3.93 6.31 -4.97
N ASP A 135 -3.85 5.41 -5.95
CA ASP A 135 -4.90 5.33 -6.97
C ASP A 135 -6.18 4.62 -6.50
N TRP A 136 -6.07 3.82 -5.44
CA TRP A 136 -7.23 3.19 -4.82
C TRP A 136 -6.93 2.97 -3.33
N VAL A 137 -7.86 3.37 -2.48
CA VAL A 137 -7.68 3.23 -1.04
C VAL A 137 -8.93 2.58 -0.47
N TYR A 138 -8.75 1.53 0.33
CA TYR A 138 -9.88 0.73 0.82
C TYR A 138 -9.71 0.48 2.31
N TYR A 139 -10.67 0.92 3.12
CA TYR A 139 -10.62 0.66 4.55
C TYR A 139 -11.05 -0.79 4.75
N GLU A 140 -10.13 -1.71 4.49
CA GLU A 140 -10.45 -3.12 4.32
C GLU A 140 -10.76 -3.87 5.63
N SER A 141 -10.02 -3.52 6.68
CA SER A 141 -10.09 -4.25 7.95
C SER A 141 -10.05 -3.27 9.09
N LYS A 142 -10.57 -3.66 10.25
CA LYS A 142 -10.40 -2.84 11.44
C LYS A 142 -8.91 -2.75 11.76
N ALA A 143 -8.14 -3.70 11.22
CA ALA A 143 -6.71 -3.79 11.53
C ALA A 143 -5.76 -3.20 10.47
N HIS A 144 -6.26 -2.82 9.29
CA HIS A 144 -5.39 -2.19 8.28
C HIS A 144 -6.13 -1.49 7.15
N ILE A 145 -5.42 -0.56 6.50
CA ILE A 145 -5.91 0.08 5.27
C ILE A 145 -5.16 -0.54 4.08
N HIS A 146 -5.86 -0.78 2.98
CA HIS A 146 -5.24 -1.34 1.77
C HIS A 146 -5.17 -0.23 0.73
N CYS A 147 -3.97 0.04 0.20
CA CYS A 147 -3.79 1.10 -0.80
C CYS A 147 -3.07 0.51 -2.01
N SER A 148 -3.44 0.94 -3.21
CA SER A 148 -2.74 0.44 -4.40
C SER A 148 -2.50 1.55 -5.42
N VAL A 149 -1.65 1.26 -6.39
CA VAL A 149 -1.31 2.25 -7.41
C VAL A 149 -1.43 1.66 -8.80
N LYS A 150 -1.56 2.52 -9.81
CA LYS A 150 -1.55 2.07 -11.20
C LYS A 150 -0.19 1.50 -11.58
N ALA A 151 -0.18 0.66 -12.62
CA ALA A 151 1.07 0.21 -13.24
C ALA A 151 1.57 1.29 -14.19
N GLU A 152 2.85 1.23 -14.54
CA GLU A 152 3.36 2.13 -15.58
C GLU A 152 2.78 1.74 -16.93
N ASN A 153 2.66 2.71 -17.84
CA ASN A 153 2.10 2.45 -19.16
C ASN A 153 2.95 1.46 -19.97
N SER A 154 2.32 0.72 -20.87
CA SER A 154 3.05 -0.17 -21.76
C SER A 154 3.94 0.64 -22.69
N VAL A 155 4.97 0.00 -23.25
CA VAL A 155 5.94 0.71 -24.08
C VAL A 155 5.33 1.28 -25.37
N ALA A 156 4.27 0.85 -25.84
C1 ASG B . 4.31 -6.01 20.74
C2 ASG B . 2.95 -6.65 20.44
C3 ASG B . 3.17 -8.00 19.75
C4 ASG B . 3.95 -7.68 18.48
C5 ASG B . 5.26 -7.01 18.84
C6 ASG B . 6.15 -6.74 17.63
C7 ASG B . 1.25 -6.30 22.14
C8 ASG B . 0.61 -5.36 21.16
O1 ASG B . 4.10 -4.74 21.38
N2 ASG B . 2.37 -6.91 21.75
O3 ASG B . 1.96 -8.69 19.41
O4 ASG B . 3.18 -6.65 17.85
O5 ASG B . 5.00 -5.79 19.52
O6 ASG B . 7.12 -5.75 17.98
O7 ASG B . 0.75 -6.51 23.25
OSA ASG B . 2.77 -8.00 15.80
OSB ASG B . 1.41 -6.06 16.27
OSC ASG B . 3.71 -5.75 15.62
S ASG B . 2.77 -6.63 16.36
C1 BDP B . 1.92 -10.13 19.52
C2 BDP B . 0.53 -10.60 19.05
C3 BDP B . 0.42 -12.12 18.88
C4 BDP B . 1.58 -12.71 18.08
C5 BDP B . 2.93 -12.16 18.57
C6 BDP B . 3.92 -12.49 17.50
O2 BDP B . -0.46 -10.15 19.99
O3 BDP B . -0.81 -12.38 18.19
O4 BDP B . 1.59 -14.14 18.19
O5 BDP B . 2.95 -10.74 18.75
O6A BDP B . 4.86 -13.28 17.77
O6B BDP B . 3.79 -11.95 16.39
C1 ASG B . 1.68 -14.96 17.01
C2 ASG B . 1.82 -16.45 17.40
C3 ASG B . 1.62 -17.40 16.21
C4 ASG B . 0.36 -17.03 15.43
C5 ASG B . 0.46 -15.56 15.04
C6 ASG B . -0.70 -15.13 14.15
C7 ASG B . 3.63 -17.45 18.73
C8 ASG B . 2.58 -18.16 19.54
N2 ASG B . 3.23 -16.64 17.75
O3 ASG B . 1.56 -18.78 16.62
O4 ASG B . -0.75 -17.20 16.31
O5 ASG B . 0.50 -14.75 16.22
O6 ASG B . -1.05 -16.23 13.31
O7 ASG B . 4.82 -17.58 18.99
OSA ASG B . -2.31 -18.05 14.58
OSB ASG B . -1.47 -19.56 16.26
OSC ASG B . -3.06 -17.85 16.87
S ASG B . -1.91 -18.17 15.99
C1 BDP B . 2.45 -19.68 15.95
C2 BDP B . 2.29 -21.12 16.46
C3 BDP B . 3.04 -22.12 15.57
C4 BDP B . 2.59 -21.97 14.13
C5 BDP B . 2.80 -20.52 13.67
C6 BDP B . 2.25 -20.33 12.28
O2 BDP B . 2.80 -21.21 17.79
O3 BDP B . 2.78 -23.47 16.00
O5 BDP B . 2.18 -19.57 14.55
O6A BDP B . 2.78 -19.48 11.54
O6B BDP B . 1.27 -21.01 11.92
ZN ZN C . -3.90 -5.31 0.88
CA CA D . 3.40 -11.53 2.96
CA CA E . 4.32 -8.89 5.96
C ACT F . -1.06 -5.57 12.88
O ACT F . -1.09 -4.37 13.25
OXT ACT F . -0.03 -6.23 13.15
CH3 ACT F . -2.23 -6.19 12.16
#